data_7XC4
#
_entry.id   7XC4
#
_cell.length_a   60.006
_cell.length_b   60.006
_cell.length_c   184.346
_cell.angle_alpha   90.000
_cell.angle_beta   90.000
_cell.angle_gamma   90.000
#
_symmetry.space_group_name_H-M   'P 41 21 2'
#
loop_
_entity.id
_entity.type
_entity.pdbx_description
1 polymer 'Papain-like protease nsp3'
2 non-polymer '3-(4,5-diphenyl-1,3-oxazol-2-yl)propanoic acid'
3 water water
#
_entity_poly.entity_id   1
_entity_poly.type   'polypeptide(L)'
_entity_poly.pdbx_seq_one_letter_code
;FQHMGTVSWNLREMLAHAEETRKLMPVCVETKAIVSTIQRKYKGIKIQEGVVDYGARFYFYTSKTTVASLINTLNDLNET
LVTMPLGYVTHGLNLEEAARYMRSLKVPATVSVSSPDAVTAYNGYLTSS
;
_entity_poly.pdbx_strand_id   A,B
#
loop_
_chem_comp.id
_chem_comp.type
_chem_comp.name
_chem_comp.formula
BJ6 non-polymer '3-(4,5-diphenyl-1,3-oxazol-2-yl)propanoic acid' 'C18 H15 N O3'
#
# COMPACT_ATOMS: atom_id res chain seq x y z
N PHE A 1 10.02 12.09 -9.35
CA PHE A 1 9.57 10.85 -9.97
C PHE A 1 9.50 10.99 -11.49
N GLN A 2 10.66 11.02 -12.13
CA GLN A 2 10.72 11.21 -13.57
C GLN A 2 10.16 10.03 -14.35
N HIS A 3 10.06 8.86 -13.72
CA HIS A 3 9.56 7.66 -14.37
C HIS A 3 8.04 7.56 -14.34
N MET A 4 7.34 8.52 -13.75
CA MET A 4 5.88 8.50 -13.67
C MET A 4 5.33 9.83 -14.13
N GLY A 5 4.30 9.77 -14.97
CA GLY A 5 3.62 10.97 -15.42
C GLY A 5 2.12 10.77 -15.39
N THR A 6 1.40 11.89 -15.26
CA THR A 6 -0.04 11.87 -15.04
C THR A 6 -0.77 12.48 -16.22
N VAL A 7 -1.82 11.80 -16.68
CA VAL A 7 -2.67 12.23 -17.77
C VAL A 7 -4.11 12.04 -17.35
N SER A 8 -5.03 12.50 -18.22
CA SER A 8 -6.46 12.30 -18.03
C SER A 8 -7.01 11.59 -19.27
N TRP A 9 -6.96 10.26 -19.25
CA TRP A 9 -7.46 9.42 -20.33
C TRP A 9 -8.64 8.59 -19.82
N ASN A 10 -9.71 8.55 -20.60
CA ASN A 10 -10.81 7.66 -20.24
C ASN A 10 -10.40 6.21 -20.50
N LEU A 11 -11.30 5.28 -20.18
CA LEU A 11 -10.97 3.86 -20.26
C LEU A 11 -10.65 3.44 -21.69
N ARG A 12 -11.43 3.92 -22.67
CA ARG A 12 -11.18 3.54 -24.06
C ARG A 12 -9.83 4.05 -24.52
N GLU A 13 -9.44 5.25 -24.08
CA GLU A 13 -8.13 5.77 -24.44
C GLU A 13 -7.01 4.96 -23.77
N MET A 14 -7.23 4.55 -22.52
CA MET A 14 -6.26 3.70 -21.86
C MET A 14 -6.10 2.37 -22.56
N LEU A 15 -7.23 1.76 -22.97
CA LEU A 15 -7.17 0.46 -23.63
C LEU A 15 -6.50 0.56 -25.00
N ALA A 16 -6.79 1.64 -25.74
CA ALA A 16 -6.16 1.80 -27.05
C ALA A 16 -4.65 1.97 -26.90
N HIS A 17 -4.21 2.75 -25.92
CA HIS A 17 -2.77 2.91 -25.68
C HIS A 17 -2.14 1.60 -25.25
N ALA A 18 -2.80 0.86 -24.35
CA ALA A 18 -2.26 -0.42 -23.90
C ALA A 18 -2.17 -1.42 -25.04
N GLU A 19 -3.21 -1.47 -25.89
CA GLU A 19 -3.24 -2.44 -26.96
C GLU A 19 -2.07 -2.25 -27.92
N GLU A 20 -1.70 -0.99 -28.20
CA GLU A 20 -0.64 -0.71 -29.16
C GLU A 20 0.75 -0.86 -28.54
N THR A 21 0.92 -0.41 -27.30
CA THR A 21 2.24 -0.41 -26.67
C THR A 21 2.56 -1.71 -25.94
N ARG A 22 1.55 -2.51 -25.61
CA ARG A 22 1.70 -3.71 -24.77
C ARG A 22 2.16 -3.36 -23.36
N LYS A 23 1.98 -2.12 -22.92
CA LYS A 23 2.20 -1.80 -21.51
C LYS A 23 1.21 -2.55 -20.65
N LEU A 24 1.67 -2.94 -19.45
CA LEU A 24 0.82 -3.68 -18.53
C LEU A 24 -0.21 -2.76 -17.89
N MET A 25 -1.47 -3.18 -17.90
CA MET A 25 -2.56 -2.35 -17.39
C MET A 25 -3.23 -3.06 -16.22
N PRO A 26 -3.00 -2.61 -14.98
CA PRO A 26 -3.71 -3.20 -13.84
C PRO A 26 -5.20 -2.91 -13.93
N VAL A 27 -6.01 -3.89 -13.57
CA VAL A 27 -7.46 -3.76 -13.56
C VAL A 27 -8.01 -4.42 -12.30
N CYS A 28 -8.81 -3.67 -11.54
CA CYS A 28 -9.45 -4.24 -10.36
C CYS A 28 -10.74 -4.92 -10.82
N VAL A 29 -10.83 -6.23 -10.60
CA VAL A 29 -11.97 -6.99 -11.12
C VAL A 29 -13.26 -6.67 -10.40
N GLU A 30 -13.20 -5.96 -9.26
CA GLU A 30 -14.41 -5.55 -8.56
C GLU A 30 -15.07 -4.34 -9.19
N THR A 31 -14.39 -3.65 -10.10
CA THR A 31 -14.96 -2.47 -10.76
C THR A 31 -15.72 -2.96 -11.99
N LYS A 32 -17.03 -3.16 -11.81
CA LYS A 32 -17.82 -3.87 -12.81
C LYS A 32 -17.83 -3.15 -14.15
N ALA A 33 -17.90 -1.81 -14.13
CA ALA A 33 -17.95 -1.06 -15.37
C ALA A 33 -16.71 -1.32 -16.22
N ILE A 34 -15.54 -1.36 -15.60
CA ILE A 34 -14.31 -1.58 -16.35
C ILE A 34 -14.27 -3.01 -16.89
N VAL A 35 -14.62 -3.98 -16.06
CA VAL A 35 -14.59 -5.38 -16.50
C VAL A 35 -15.55 -5.60 -17.66
N SER A 36 -16.75 -5.01 -17.59
CA SER A 36 -17.73 -5.20 -18.66
C SER A 36 -17.25 -4.58 -19.97
N THR A 37 -16.59 -3.43 -19.91
CA THR A 37 -16.05 -2.82 -21.12
C THR A 37 -14.95 -3.69 -21.71
N ILE A 38 -14.10 -4.27 -20.86
CA ILE A 38 -13.02 -5.12 -21.36
C ILE A 38 -13.58 -6.35 -22.04
N GLN A 39 -14.59 -6.96 -21.43
CA GLN A 39 -15.21 -8.15 -22.03
C GLN A 39 -15.90 -7.80 -23.35
N ARG A 40 -16.37 -6.57 -23.49
CA ARG A 40 -17.04 -6.17 -24.72
C ARG A 40 -16.04 -5.87 -25.84
N LYS A 41 -14.94 -5.18 -25.52
CA LYS A 41 -13.95 -4.84 -26.54
C LYS A 41 -13.10 -6.04 -26.92
N TYR A 42 -12.85 -6.95 -25.98
CA TYR A 42 -11.99 -8.11 -26.21
C TYR A 42 -12.80 -9.38 -25.94
N LYS A 43 -13.75 -9.66 -26.84
CA LYS A 43 -14.65 -10.77 -26.63
C LYS A 43 -13.89 -12.08 -26.51
N GLY A 44 -14.35 -12.94 -25.60
CA GLY A 44 -13.73 -14.22 -25.36
C GLY A 44 -12.61 -14.22 -24.35
N ILE A 45 -12.28 -13.05 -23.77
CA ILE A 45 -11.18 -12.97 -22.83
C ILE A 45 -11.48 -13.82 -21.59
N LYS A 46 -10.45 -14.50 -21.09
CA LYS A 46 -10.56 -15.28 -19.86
C LYS A 46 -9.95 -14.43 -18.74
N ILE A 47 -10.81 -13.81 -17.95
CA ILE A 47 -10.37 -12.95 -16.86
C ILE A 47 -10.01 -13.83 -15.66
N GLN A 48 -8.77 -13.70 -15.18
CA GLN A 48 -8.34 -14.40 -13.98
C GLN A 48 -7.24 -13.57 -13.34
N GLU A 49 -6.94 -13.90 -12.09
CA GLU A 49 -5.96 -13.12 -11.32
C GLU A 49 -4.59 -13.16 -12.00
N GLY A 50 -3.92 -12.02 -12.01
CA GLY A 50 -2.58 -11.93 -12.55
C GLY A 50 -2.54 -11.46 -13.99
N VAL A 51 -1.41 -11.76 -14.64
CA VAL A 51 -1.20 -11.32 -16.01
C VAL A 51 -2.11 -12.08 -16.96
N VAL A 52 -2.87 -11.34 -17.76
CA VAL A 52 -3.68 -11.90 -18.83
C VAL A 52 -3.36 -11.10 -20.08
N ASP A 53 -2.73 -11.75 -21.07
CA ASP A 53 -2.34 -11.09 -22.32
C ASP A 53 -3.33 -11.51 -23.39
N TYR A 54 -4.35 -10.68 -23.59
CA TYR A 54 -5.41 -10.98 -24.54
C TYR A 54 -6.04 -9.66 -24.97
N GLY A 55 -5.79 -9.24 -26.20
CA GLY A 55 -6.24 -7.95 -26.67
C GLY A 55 -5.30 -6.85 -26.20
N ALA A 56 -5.28 -6.64 -24.89
CA ALA A 56 -4.26 -5.85 -24.21
C ALA A 56 -3.59 -6.73 -23.18
N ARG A 57 -2.53 -6.22 -22.56
CA ARG A 57 -1.79 -6.93 -21.53
C ARG A 57 -2.27 -6.41 -20.18
N PHE A 58 -3.08 -7.22 -19.48
CA PHE A 58 -3.72 -6.82 -18.23
C PHE A 58 -3.05 -7.48 -17.03
N TYR A 59 -3.14 -6.83 -15.89
CA TYR A 59 -2.91 -7.46 -14.60
C TYR A 59 -4.19 -7.33 -13.79
N PHE A 60 -4.93 -8.43 -13.68
CA PHE A 60 -6.19 -8.44 -12.95
C PHE A 60 -5.94 -8.74 -11.48
N TYR A 61 -6.50 -7.92 -10.61
CA TYR A 61 -6.33 -8.10 -9.17
C TYR A 61 -7.67 -7.89 -8.49
N THR A 62 -7.78 -8.44 -7.29
CA THR A 62 -8.93 -8.21 -6.43
C THR A 62 -8.54 -7.19 -5.35
N SER A 63 -9.55 -6.44 -4.89
CA SER A 63 -9.33 -5.49 -3.81
C SER A 63 -8.98 -6.17 -2.49
N LYS A 64 -9.08 -7.49 -2.41
CA LYS A 64 -8.56 -8.20 -1.24
C LYS A 64 -7.04 -8.22 -1.23
N THR A 65 -6.40 -7.96 -2.37
CA THR A 65 -4.96 -7.71 -2.40
C THR A 65 -4.72 -6.28 -1.97
N THR A 66 -3.91 -6.09 -0.94
CA THR A 66 -3.66 -4.75 -0.43
C THR A 66 -2.87 -3.94 -1.45
N VAL A 67 -3.02 -2.61 -1.39
CA VAL A 67 -2.43 -1.76 -2.41
C VAL A 67 -0.92 -1.93 -2.44
N ALA A 68 -0.29 -1.96 -1.27
CA ALA A 68 1.17 -2.08 -1.21
C ALA A 68 1.63 -3.42 -1.76
N SER A 69 0.86 -4.48 -1.52
CA SER A 69 1.23 -5.78 -2.08
C SER A 69 1.14 -5.77 -3.60
N LEU A 70 0.09 -5.16 -4.15
CA LEU A 70 -0.02 -5.05 -5.60
C LEU A 70 1.15 -4.31 -6.20
N ILE A 71 1.59 -3.22 -5.55
CA ILE A 71 2.72 -2.45 -6.07
C ILE A 71 4.01 -3.24 -5.94
N ASN A 72 4.17 -4.01 -4.86
CA ASN A 72 5.30 -4.92 -4.75
C ASN A 72 5.33 -5.88 -5.94
N THR A 73 4.18 -6.46 -6.27
CA THR A 73 4.12 -7.42 -7.38
C THR A 73 4.40 -6.76 -8.71
N LEU A 74 3.81 -5.58 -8.94
CA LEU A 74 4.04 -4.87 -10.21
C LEU A 74 5.50 -4.47 -10.35
N ASN A 75 6.12 -4.03 -9.24
CA ASN A 75 7.54 -3.71 -9.28
C ASN A 75 8.37 -4.93 -9.66
N ASP A 76 8.01 -6.10 -9.12
CA ASP A 76 8.75 -7.33 -9.44
C ASP A 76 8.54 -7.75 -10.89
N LEU A 77 7.36 -7.50 -11.46
CA LEU A 77 7.13 -7.84 -12.86
C LEU A 77 8.01 -6.99 -13.78
N ASN A 78 8.34 -5.77 -13.36
CA ASN A 78 9.28 -4.89 -14.08
C ASN A 78 8.78 -4.53 -15.47
N GLU A 79 7.46 -4.33 -15.60
CA GLU A 79 6.87 -3.89 -16.85
C GLU A 79 6.38 -2.45 -16.72
N THR A 80 6.51 -1.69 -17.81
CA THR A 80 5.96 -0.34 -17.87
C THR A 80 4.44 -0.40 -17.80
N LEU A 81 3.85 0.53 -17.05
CA LEU A 81 2.43 0.48 -16.73
C LEU A 81 1.65 1.60 -17.42
N VAL A 82 0.39 1.29 -17.73
CA VAL A 82 -0.64 2.30 -17.93
C VAL A 82 -1.74 1.98 -16.91
N THR A 83 -1.98 2.92 -15.99
CA THR A 83 -2.74 2.57 -14.80
C THR A 83 -3.49 3.78 -14.25
N MET A 84 -4.56 3.50 -13.53
CA MET A 84 -5.26 4.44 -12.67
C MET A 84 -4.58 4.47 -11.30
N PRO A 85 -4.82 5.51 -10.50
CA PRO A 85 -4.21 5.54 -9.15
C PRO A 85 -4.66 4.35 -8.32
N LEU A 86 -3.71 3.50 -7.95
CA LEU A 86 -4.05 2.25 -7.31
C LEU A 86 -4.59 2.48 -5.91
N GLY A 87 -5.67 1.77 -5.58
CA GLY A 87 -6.35 1.92 -4.32
C GLY A 87 -7.43 2.99 -4.31
N TYR A 88 -7.38 3.94 -5.24
CA TYR A 88 -8.38 4.99 -5.30
C TYR A 88 -9.77 4.37 -5.51
N VAL A 89 -10.66 4.62 -4.56
CA VAL A 89 -12.04 4.12 -4.55
C VAL A 89 -12.08 2.61 -4.32
N THR A 90 -11.27 1.85 -5.07
CA THR A 90 -11.33 0.39 -4.98
C THR A 90 -10.99 -0.12 -3.60
N HIS A 91 -10.07 0.57 -2.90
CA HIS A 91 -9.69 0.19 -1.54
C HIS A 91 -10.18 1.21 -0.51
N GLY A 92 -11.19 2.00 -0.85
CA GLY A 92 -11.68 3.01 0.05
C GLY A 92 -10.75 4.19 0.24
N LEU A 93 -9.74 4.34 -0.60
CA LEU A 93 -8.79 5.44 -0.47
C LEU A 93 -9.26 6.63 -1.29
N ASN A 94 -9.00 7.83 -0.77
CA ASN A 94 -9.16 9.03 -1.57
C ASN A 94 -7.96 9.17 -2.51
N LEU A 95 -7.95 10.25 -3.30
CA LEU A 95 -6.88 10.42 -4.27
C LEU A 95 -5.54 10.66 -3.59
N GLU A 96 -5.53 11.38 -2.47
CA GLU A 96 -4.28 11.69 -1.80
C GLU A 96 -3.60 10.44 -1.26
N GLU A 97 -4.36 9.54 -0.64
CA GLU A 97 -3.75 8.34 -0.09
C GLU A 97 -3.38 7.34 -1.17
N ALA A 98 -4.14 7.30 -2.27
CA ALA A 98 -3.70 6.52 -3.43
C ALA A 98 -2.35 7.02 -3.93
N ALA A 99 -2.21 8.34 -4.07
CA ALA A 99 -0.96 8.93 -4.53
C ALA A 99 0.20 8.57 -3.61
N ARG A 100 -0.05 8.51 -2.30
CA ARG A 100 0.99 8.16 -1.35
C ARG A 100 1.53 6.77 -1.62
N TYR A 101 0.63 5.80 -1.86
CA TYR A 101 1.07 4.46 -2.22
C TYR A 101 1.83 4.44 -3.55
N MET A 102 1.37 5.24 -4.51
CA MET A 102 1.98 5.25 -5.84
C MET A 102 3.43 5.70 -5.81
N ARG A 103 3.84 6.39 -4.74
CA ARG A 103 5.24 6.79 -4.61
C ARG A 103 6.19 5.59 -4.57
N SER A 104 5.68 4.40 -4.25
CA SER A 104 6.49 3.19 -4.16
C SER A 104 6.67 2.48 -5.50
N LEU A 105 5.98 2.91 -6.56
CA LEU A 105 6.19 2.31 -7.87
C LEU A 105 7.58 2.62 -8.38
N LYS A 106 8.31 1.58 -8.79
CA LYS A 106 9.65 1.75 -9.34
C LYS A 106 9.71 1.50 -10.84
N VAL A 107 8.66 0.97 -11.44
CA VAL A 107 8.59 0.75 -12.89
C VAL A 107 8.03 2.02 -13.53
N PRO A 108 8.35 2.30 -14.80
CA PRO A 108 7.74 3.47 -15.44
C PRO A 108 6.23 3.30 -15.56
N ALA A 109 5.51 4.41 -15.41
CA ALA A 109 4.06 4.34 -15.41
C ALA A 109 3.46 5.63 -15.94
N THR A 110 2.41 5.49 -16.75
CA THR A 110 1.51 6.58 -17.06
C THR A 110 0.28 6.42 -16.19
N VAL A 111 -0.01 7.43 -15.38
CA VAL A 111 -1.10 7.39 -14.42
C VAL A 111 -2.25 8.23 -14.96
N SER A 112 -3.42 7.62 -15.12
CA SER A 112 -4.58 8.28 -15.70
C SER A 112 -5.59 8.58 -14.60
N VAL A 113 -5.96 9.85 -14.48
CA VAL A 113 -6.97 10.29 -13.52
C VAL A 113 -8.19 10.79 -14.28
N SER A 114 -9.27 11.07 -13.53
CA SER A 114 -10.59 11.22 -14.12
C SER A 114 -10.79 12.52 -14.88
N SER A 115 -10.02 13.57 -14.58
CA SER A 115 -10.23 14.86 -15.22
C SER A 115 -8.90 15.61 -15.21
N PRO A 116 -8.75 16.62 -16.07
CA PRO A 116 -7.54 17.46 -15.99
C PRO A 116 -7.38 18.15 -14.64
N ASP A 117 -8.48 18.46 -13.95
CA ASP A 117 -8.38 19.00 -12.60
C ASP A 117 -7.75 17.99 -11.65
N ALA A 118 -8.08 16.70 -11.82
CA ALA A 118 -7.49 15.67 -10.98
C ALA A 118 -6.00 15.50 -11.27
N VAL A 119 -5.56 15.77 -12.50
CA VAL A 119 -4.13 15.72 -12.81
C VAL A 119 -3.37 16.66 -11.87
N THR A 120 -3.89 17.88 -11.71
CA THR A 120 -3.26 18.85 -10.82
C THR A 120 -3.24 18.36 -9.39
N ALA A 121 -4.38 17.90 -8.90
CA ALA A 121 -4.48 17.44 -7.51
C ALA A 121 -3.56 16.25 -7.26
N TYR A 122 -3.57 15.27 -8.17
CA TYR A 122 -2.77 14.06 -7.97
C TYR A 122 -1.28 14.39 -7.93
N ASN A 123 -0.81 15.21 -8.88
CA ASN A 123 0.60 15.57 -8.91
C ASN A 123 1.02 16.32 -7.66
N GLY A 124 0.13 17.15 -7.11
CA GLY A 124 0.43 17.81 -5.86
C GLY A 124 0.57 16.84 -4.70
N TYR A 125 -0.32 15.85 -4.64
CA TYR A 125 -0.25 14.86 -3.57
C TYR A 125 0.98 13.97 -3.73
N LEU A 126 1.29 13.56 -4.96
CA LEU A 126 2.38 12.61 -5.18
C LEU A 126 3.70 13.15 -4.66
N THR A 127 3.93 14.46 -4.80
CA THR A 127 5.14 15.10 -4.31
C THR A 127 4.87 15.81 -2.99
N PHE B 1 1.48 -13.65 0.37
CA PHE B 1 0.74 -12.85 1.32
C PHE B 1 0.05 -11.67 0.64
N GLN B 2 -1.16 -11.90 0.12
CA GLN B 2 -1.87 -10.83 -0.57
C GLN B 2 -2.25 -9.70 0.37
N HIS B 3 -2.38 -9.99 1.67
CA HIS B 3 -2.89 -9.04 2.64
C HIS B 3 -1.82 -8.15 3.26
N MET B 4 -0.54 -8.38 2.94
CA MET B 4 0.54 -7.56 3.47
C MET B 4 1.38 -7.02 2.33
N GLY B 5 1.74 -5.74 2.43
CA GLY B 5 2.61 -5.11 1.45
C GLY B 5 3.58 -4.17 2.13
N THR B 6 4.68 -3.90 1.44
CA THR B 6 5.81 -3.19 2.03
C THR B 6 6.09 -1.90 1.28
N VAL B 7 6.20 -0.80 2.03
CA VAL B 7 6.56 0.51 1.51
C VAL B 7 7.72 1.06 2.34
N SER B 8 8.19 2.24 1.97
CA SER B 8 9.18 2.98 2.73
C SER B 8 8.58 4.35 3.06
N TRP B 9 7.89 4.44 4.19
CA TRP B 9 7.25 5.66 4.66
C TRP B 9 7.98 6.17 5.90
N ASN B 10 8.31 7.45 5.91
CA ASN B 10 8.79 8.06 7.15
C ASN B 10 7.61 8.23 8.10
N LEU B 11 7.93 8.67 9.33
CA LEU B 11 6.90 8.74 10.36
C LEU B 11 5.77 9.69 9.96
N ARG B 12 6.09 10.82 9.34
CA ARG B 12 5.05 11.77 8.96
C ARG B 12 4.11 11.18 7.92
N GLU B 13 4.64 10.36 7.01
CA GLU B 13 3.80 9.68 6.04
C GLU B 13 2.90 8.65 6.71
N MET B 14 3.45 7.87 7.65
CA MET B 14 2.64 6.88 8.37
C MET B 14 1.53 7.58 9.15
N LEU B 15 1.87 8.63 9.89
CA LEU B 15 0.88 9.33 10.69
C LEU B 15 -0.20 9.96 9.82
N ALA B 16 0.20 10.57 8.70
CA ALA B 16 -0.77 11.19 7.81
C ALA B 16 -1.72 10.14 7.25
N HIS B 17 -1.19 9.00 6.83
CA HIS B 17 -2.05 7.92 6.33
C HIS B 17 -2.96 7.38 7.44
N ALA B 18 -2.40 7.18 8.63
CA ALA B 18 -3.20 6.65 9.74
C ALA B 18 -4.28 7.64 10.16
N GLU B 19 -3.98 8.94 10.12
CA GLU B 19 -4.97 9.95 10.47
C GLU B 19 -6.19 9.85 9.56
N GLU B 20 -5.96 9.71 8.25
CA GLU B 20 -7.06 9.73 7.29
C GLU B 20 -7.84 8.43 7.31
N THR B 21 -7.15 7.29 7.38
CA THR B 21 -7.78 5.98 7.23
C THR B 21 -8.27 5.38 8.54
N ARG B 22 -7.75 5.85 9.67
CA ARG B 22 -7.99 5.27 11.00
C ARG B 22 -7.49 3.83 11.09
N LYS B 23 -6.57 3.43 10.22
CA LYS B 23 -5.88 2.16 10.40
C LYS B 23 -5.10 2.18 11.71
N LEU B 24 -4.99 1.01 12.33
CA LEU B 24 -4.33 0.89 13.62
C LEU B 24 -2.81 0.93 13.43
N MET B 25 -2.14 1.79 14.19
CA MET B 25 -0.70 1.97 14.05
C MET B 25 0.02 1.52 15.32
N PRO B 26 0.68 0.36 15.31
CA PRO B 26 1.48 -0.03 16.48
C PRO B 26 2.64 0.93 16.69
N VAL B 27 2.90 1.25 17.95
CA VAL B 27 3.99 2.14 18.33
C VAL B 27 4.64 1.60 19.59
N CYS B 28 5.96 1.42 19.54
CA CYS B 28 6.74 1.01 20.71
C CYS B 28 7.04 2.23 21.56
N VAL B 29 6.50 2.27 22.78
CA VAL B 29 6.63 3.44 23.62
C VAL B 29 8.05 3.70 24.10
N GLU B 30 8.98 2.77 23.85
CA GLU B 30 10.37 3.00 24.19
C GLU B 30 11.12 3.77 23.11
N THR B 31 10.53 3.93 21.92
CA THR B 31 11.16 4.65 20.82
C THR B 31 10.87 6.13 21.01
N LYS B 32 11.84 6.86 21.58
CA LYS B 32 11.58 8.22 22.03
C LYS B 32 11.23 9.16 20.88
N ALA B 33 11.90 9.01 19.74
CA ALA B 33 11.67 9.94 18.64
C ALA B 33 10.23 9.87 18.13
N ILE B 34 9.65 8.67 18.12
CA ILE B 34 8.27 8.51 17.66
C ILE B 34 7.29 9.00 18.73
N VAL B 35 7.51 8.61 19.98
CA VAL B 35 6.64 9.05 21.07
C VAL B 35 6.65 10.56 21.20
N SER B 36 7.83 11.17 21.07
CA SER B 36 7.93 12.62 21.16
C SER B 36 7.18 13.29 20.01
N THR B 37 7.31 12.75 18.80
CA THR B 37 6.59 13.30 17.65
C THR B 37 5.08 13.21 17.86
N ILE B 38 4.60 12.07 18.37
CA ILE B 38 3.18 11.90 18.60
C ILE B 38 2.68 12.87 19.67
N GLN B 39 3.45 13.02 20.74
CA GLN B 39 3.03 13.92 21.82
C GLN B 39 2.98 15.36 21.34
N ARG B 40 3.83 15.74 20.40
CA ARG B 40 3.81 17.11 19.87
C ARG B 40 2.72 17.29 18.82
N LYS B 41 2.51 16.28 17.97
CA LYS B 41 1.52 16.40 16.90
C LYS B 41 0.10 16.39 17.45
N TYR B 42 -0.15 15.60 18.50
CA TYR B 42 -1.48 15.45 19.08
C TYR B 42 -1.41 15.86 20.53
N LYS B 43 -1.40 17.17 20.77
CA LYS B 43 -1.23 17.70 22.11
C LYS B 43 -2.33 17.17 23.03
N GLY B 44 -1.93 16.72 24.22
CA GLY B 44 -2.85 16.20 25.21
C GLY B 44 -3.03 14.70 25.18
N ILE B 45 -2.42 14.00 24.22
CA ILE B 45 -2.57 12.55 24.16
C ILE B 45 -2.02 11.93 25.45
N LYS B 46 -2.77 10.98 26.00
CA LYS B 46 -2.33 10.24 27.17
C LYS B 46 -1.90 8.85 26.68
N ILE B 47 -0.60 8.69 26.46
CA ILE B 47 -0.08 7.44 25.93
C ILE B 47 -0.13 6.37 27.01
N GLN B 48 -0.75 5.24 26.69
CA GLN B 48 -0.84 4.12 27.61
C GLN B 48 -0.91 2.84 26.78
N GLU B 49 -0.62 1.72 27.45
CA GLU B 49 -0.60 0.43 26.78
C GLU B 49 -1.95 0.11 26.16
N GLY B 50 -1.92 -0.46 24.96
CA GLY B 50 -3.13 -0.84 24.27
C GLY B 50 -3.56 0.19 23.24
N VAL B 51 -4.84 0.12 22.89
CA VAL B 51 -5.40 0.99 21.86
C VAL B 51 -5.64 2.37 22.44
N VAL B 52 -5.11 3.38 21.78
CA VAL B 52 -5.36 4.78 22.11
C VAL B 52 -5.76 5.49 20.82
N ASP B 53 -7.00 5.96 20.76
CA ASP B 53 -7.55 6.62 19.59
C ASP B 53 -7.64 8.11 19.89
N TYR B 54 -6.62 8.85 19.46
CA TYR B 54 -6.50 10.27 19.80
C TYR B 54 -5.56 10.88 18.75
N GLY B 55 -6.14 11.60 17.79
CA GLY B 55 -5.36 12.09 16.66
C GLY B 55 -5.27 11.02 15.59
N ALA B 56 -4.54 9.96 15.87
CA ALA B 56 -4.57 8.72 15.10
C ALA B 56 -4.96 7.57 16.02
N ARG B 57 -5.14 6.39 15.44
CA ARG B 57 -5.52 5.20 16.20
C ARG B 57 -4.27 4.35 16.42
N PHE B 58 -3.75 4.40 17.65
CA PHE B 58 -2.49 3.77 17.99
C PHE B 58 -2.71 2.48 18.77
N TYR B 59 -1.77 1.56 18.66
CA TYR B 59 -1.61 0.48 19.63
C TYR B 59 -0.23 0.64 20.26
N PHE B 60 -0.20 1.15 21.49
CA PHE B 60 1.04 1.36 22.21
C PHE B 60 1.44 0.09 22.94
N TYR B 61 2.69 -0.31 22.76
CA TYR B 61 3.19 -1.52 23.40
C TYR B 61 4.60 -1.26 23.93
N THR B 62 5.00 -2.09 24.87
CA THR B 62 6.37 -2.09 25.38
C THR B 62 7.14 -3.24 24.77
N SER B 63 8.46 -3.08 24.68
CA SER B 63 9.32 -4.16 24.22
C SER B 63 9.37 -5.33 25.20
N LYS B 64 8.84 -5.16 26.41
CA LYS B 64 8.65 -6.29 27.31
C LYS B 64 7.58 -7.24 26.80
N THR B 65 6.70 -6.77 25.92
CA THR B 65 5.77 -7.65 25.23
C THR B 65 6.51 -8.32 24.07
N THR B 66 6.58 -9.65 24.10
CA THR B 66 7.30 -10.36 23.06
C THR B 66 6.57 -10.28 21.73
N VAL B 67 7.32 -10.31 20.63
CA VAL B 67 6.77 -10.01 19.31
C VAL B 67 5.60 -10.92 18.99
N ALA B 68 5.76 -12.22 19.22
CA ALA B 68 4.69 -13.16 18.89
C ALA B 68 3.44 -12.89 19.72
N SER B 69 3.61 -12.46 20.97
CA SER B 69 2.45 -12.09 21.78
C SER B 69 1.78 -10.83 21.22
N LEU B 70 2.56 -9.84 20.83
CA LEU B 70 2.01 -8.64 20.20
C LEU B 70 1.23 -9.00 18.94
N ILE B 71 1.79 -9.86 18.09
CA ILE B 71 1.11 -10.25 16.87
C ILE B 71 -0.15 -11.04 17.18
N ASN B 72 -0.09 -11.94 18.17
CA ASN B 72 -1.29 -12.62 18.64
C ASN B 72 -2.39 -11.61 18.98
N THR B 73 -2.02 -10.57 19.74
CA THR B 73 -2.98 -9.56 20.15
C THR B 73 -3.53 -8.79 18.96
N LEU B 74 -2.65 -8.38 18.05
CA LEU B 74 -3.09 -7.62 16.89
C LEU B 74 -3.99 -8.45 15.99
N ASN B 75 -3.73 -9.76 15.89
CA ASN B 75 -4.61 -10.62 15.11
C ASN B 75 -6.01 -10.65 15.72
N ASP B 76 -6.10 -10.73 17.04
CA ASP B 76 -7.39 -10.76 17.71
C ASP B 76 -8.14 -9.43 17.53
N LEU B 77 -7.41 -8.31 17.50
CA LEU B 77 -8.06 -7.02 17.29
C LEU B 77 -8.70 -6.96 15.91
N ASN B 78 -8.13 -7.67 14.93
CA ASN B 78 -8.71 -7.78 13.59
C ASN B 78 -8.85 -6.42 12.91
N GLU B 79 -7.85 -5.56 13.09
CA GLU B 79 -7.83 -4.26 12.44
C GLU B 79 -6.71 -4.24 11.40
N THR B 80 -6.94 -3.47 10.34
CA THR B 80 -5.90 -3.23 9.34
C THR B 80 -4.83 -2.33 9.93
N LEU B 81 -3.57 -2.62 9.62
CA LEU B 81 -2.43 -1.97 10.26
C LEU B 81 -1.65 -1.11 9.28
N VAL B 82 -1.05 -0.05 9.82
CA VAL B 82 0.12 0.59 9.23
C VAL B 82 1.22 0.48 10.29
N THR B 83 2.31 -0.19 9.95
CA THR B 83 3.24 -0.62 10.98
C THR B 83 4.64 -0.73 10.41
N MET B 84 5.63 -0.56 11.29
CA MET B 84 6.99 -0.97 10.99
C MET B 84 7.13 -2.45 11.29
N PRO B 85 8.18 -3.12 10.77
CA PRO B 85 8.36 -4.54 11.09
C PRO B 85 8.53 -4.74 12.59
N LEU B 86 7.63 -5.54 13.16
CA LEU B 86 7.58 -5.68 14.61
C LEU B 86 8.77 -6.45 15.15
N GLY B 87 9.37 -5.92 16.22
CA GLY B 87 10.55 -6.50 16.81
C GLY B 87 11.85 -5.97 16.25
N TYR B 88 11.83 -5.40 15.04
CA TYR B 88 13.03 -4.87 14.42
C TYR B 88 13.63 -3.77 15.28
N VAL B 89 14.88 -3.98 15.71
CA VAL B 89 15.64 -3.07 16.58
C VAL B 89 15.06 -3.04 17.99
N THR B 90 13.73 -2.86 18.10
CA THR B 90 13.12 -2.71 19.42
C THR B 90 13.34 -3.95 20.28
N HIS B 91 13.31 -5.13 19.67
CA HIS B 91 13.53 -6.39 20.37
C HIS B 91 14.87 -7.01 20.03
N GLY B 92 15.81 -6.22 19.51
CA GLY B 92 17.11 -6.72 19.15
C GLY B 92 17.14 -7.60 17.92
N LEU B 93 16.08 -7.65 17.13
CA LEU B 93 16.04 -8.48 15.94
C LEU B 93 16.56 -7.71 14.74
N ASN B 94 17.15 -8.44 13.81
CA ASN B 94 17.47 -7.86 12.51
C ASN B 94 16.21 -7.88 11.64
N LEU B 95 16.36 -7.43 10.40
CA LEU B 95 15.21 -7.33 9.51
C LEU B 95 14.65 -8.71 9.18
N GLU B 96 15.52 -9.70 8.98
CA GLU B 96 15.08 -11.03 8.58
C GLU B 96 14.26 -11.69 9.68
N GLU B 97 14.70 -11.61 10.93
CA GLU B 97 13.96 -12.27 12.01
C GLU B 97 12.67 -11.54 12.32
N ALA B 98 12.65 -10.21 12.17
CA ALA B 98 11.39 -9.49 12.24
C ALA B 98 10.41 -9.99 11.16
N ALA B 99 10.91 -10.19 9.95
CA ALA B 99 10.07 -10.70 8.88
C ALA B 99 9.51 -12.07 9.22
N ARG B 100 10.33 -12.93 9.85
CA ARG B 100 9.87 -14.26 10.21
C ARG B 100 8.66 -14.20 11.13
N TYR B 101 8.69 -13.29 12.12
CA TYR B 101 7.53 -13.12 12.98
C TYR B 101 6.33 -12.59 12.21
N MET B 102 6.57 -11.61 11.31
CA MET B 102 5.47 -10.96 10.59
C MET B 102 4.68 -11.93 9.72
N ARG B 103 5.25 -13.10 9.40
CA ARG B 103 4.51 -14.10 8.64
C ARG B 103 3.25 -14.55 9.38
N SER B 104 3.23 -14.42 10.70
CA SER B 104 2.08 -14.83 11.50
C SER B 104 0.97 -13.79 11.52
N LEU B 105 1.19 -12.60 10.96
CA LEU B 105 0.14 -11.60 10.90
C LEU B 105 -0.97 -12.06 9.98
N LYS B 106 -2.19 -12.08 10.49
CA LYS B 106 -3.36 -12.46 9.71
C LYS B 106 -4.23 -11.28 9.31
N VAL B 107 -3.96 -10.10 9.84
CA VAL B 107 -4.72 -8.90 9.50
C VAL B 107 -4.02 -8.20 8.35
N PRO B 108 -4.72 -7.43 7.51
CA PRO B 108 -4.04 -6.69 6.46
C PRO B 108 -3.10 -5.66 7.07
N ALA B 109 -2.00 -5.39 6.37
CA ALA B 109 -1.02 -4.47 6.93
C ALA B 109 -0.19 -3.84 5.82
N THR B 110 0.09 -2.56 5.99
CA THR B 110 1.14 -1.87 5.24
C THR B 110 2.36 -1.81 6.15
N VAL B 111 3.48 -2.36 5.68
CA VAL B 111 4.70 -2.46 6.48
C VAL B 111 5.71 -1.47 5.93
N SER B 112 6.20 -0.58 6.79
CA SER B 112 7.10 0.49 6.39
C SER B 112 8.52 0.21 6.84
N VAL B 113 9.45 0.23 5.88
CA VAL B 113 10.87 0.03 6.18
C VAL B 113 11.65 1.29 5.84
N SER B 114 12.97 1.26 6.06
CA SER B 114 13.76 2.49 6.06
C SER B 114 14.03 3.04 4.66
N SER B 115 14.09 2.19 3.64
CA SER B 115 14.54 2.63 2.33
C SER B 115 13.91 1.74 1.27
N PRO B 116 13.87 2.19 0.01
CA PRO B 116 13.38 1.31 -1.06
C PRO B 116 14.17 0.02 -1.19
N ASP B 117 15.47 0.04 -0.91
CA ASP B 117 16.25 -1.19 -0.96
C ASP B 117 15.82 -2.16 0.14
N ALA B 118 15.47 -1.62 1.33
CA ALA B 118 14.99 -2.47 2.41
C ALA B 118 13.66 -3.11 2.06
N VAL B 119 12.87 -2.48 1.18
CA VAL B 119 11.62 -3.08 0.74
C VAL B 119 11.89 -4.43 0.06
N THR B 120 12.85 -4.44 -0.86
CA THR B 120 13.17 -5.68 -1.56
C THR B 120 13.74 -6.72 -0.61
N ALA B 121 14.65 -6.31 0.28
CA ALA B 121 15.25 -7.26 1.22
C ALA B 121 14.21 -7.82 2.18
N TYR B 122 13.37 -6.94 2.75
CA TYR B 122 12.34 -7.41 3.67
C TYR B 122 11.41 -8.43 3.00
N ASN B 123 10.91 -8.10 1.81
CA ASN B 123 10.01 -9.01 1.11
C ASN B 123 10.70 -10.34 0.79
N GLY B 124 12.00 -10.32 0.54
CA GLY B 124 12.74 -11.56 0.36
C GLY B 124 12.74 -12.40 1.61
N TYR B 125 13.01 -11.78 2.76
CA TYR B 125 12.97 -12.51 4.02
C TYR B 125 11.55 -12.99 4.34
N LEU B 126 10.54 -12.16 4.04
CA LEU B 126 9.17 -12.52 4.35
C LEU B 126 8.75 -13.77 3.58
N THR B 127 9.18 -13.88 2.33
CA THR B 127 8.84 -15.02 1.48
C THR B 127 10.05 -15.92 1.25
C4 BJ6 C . -13.14 -12.25 -11.33
C5 BJ6 C . -14.53 -10.95 -12.79
C6 BJ6 C . -13.91 -11.12 -11.57
C7 BJ6 C . -11.03 -14.72 -11.29
C10 BJ6 C . -12.17 -14.48 -12.08
C13 BJ6 C . -9.14 -13.28 -8.31
C15 BJ6 C . -9.88 -14.13 -9.13
C17 BJ6 C . -10.23 -13.75 -10.42
C20 BJ6 C . -10.11 -20.00 -13.32
C1 BJ6 C . -13.63 -13.04 -13.54
C12 BJ6 C . -8.74 -12.04 -8.79
C14 BJ6 C . -9.08 -11.66 -10.08
C16 BJ6 C . -9.82 -12.51 -10.90
C18 BJ6 C . -11.55 -18.03 -12.67
C19 BJ6 C . -10.20 -18.72 -12.47
C2 BJ6 C . -12.99 -13.21 -12.31
C3 BJ6 C . -14.40 -11.91 -13.78
C9 BJ6 C . -11.57 -16.56 -12.24
N11 BJ6 C . -12.47 -15.69 -12.66
O21 BJ6 C . -11.07 -20.34 -14.05
O22 BJ6 C . -9.07 -20.71 -13.27
O8 BJ6 C . -10.71 -15.99 -11.44
C4 BJ6 D . 4.91 4.81 28.53
C5 BJ6 D . 5.81 6.64 27.26
C6 BJ6 D . 5.90 5.34 27.73
C7 BJ6 D . 2.15 3.75 29.88
C10 BJ6 D . 2.69 5.04 29.75
C13 BJ6 D . 3.04 0.10 29.21
C15 BJ6 D . 2.72 1.28 29.86
C17 BJ6 D . 2.53 2.45 29.14
C20 BJ6 D . -0.76 5.13 34.63
C1 BJ6 D . 3.71 6.89 28.40
C12 BJ6 D . 3.15 0.08 27.82
C14 BJ6 D . 2.94 1.24 27.10
C16 BJ6 D . 2.63 2.42 27.76
C18 BJ6 D . 0.12 5.51 32.30
C19 BJ6 D . -0.06 4.50 33.44
C2 BJ6 D . 3.80 5.59 28.86
C3 BJ6 D . 4.72 7.42 27.58
C9 BJ6 D . 1.10 5.04 31.24
N11 BJ6 D . 1.99 5.82 30.63
O21 BJ6 D . -1.11 6.34 34.59
O22 BJ6 D . -1.01 4.43 35.66
O8 BJ6 D . 1.21 3.82 30.79
#